data_2MHR
#
_entry.id   2MHR
#
_cell.length_a   41.660
_cell.length_b   80.170
_cell.length_c   37.820
_cell.angle_alpha   90.00
_cell.angle_beta   90.00
_cell.angle_gamma   90.00
#
_symmetry.space_group_name_H-M   'P 21 21 21'
#
loop_
_entity.id
_entity.type
_entity.pdbx_description
1 polymer MYOHEMERYTHRIN
2 non-polymer 'AZIDE ION'
3 non-polymer 'SULFATE ION'
4 non-polymer MU-OXO-DIIRON
5 water water
#
_entity_poly.entity_id   1
_entity_poly.type   'polypeptide(L)'
_entity_poly.pdbx_seq_one_letter_code
;GWEIPEPYVWDESFRVFYEQLDEEHKKIFKGIFDCIRDNSAPNLATLVKVTTNHFTHEEAMMDAAKYSEVVPHKKMHKDF
LEKIGGLSAPVDAKNVDYCKEWLVNHIKGTDFKYKGKL
;
_entity_poly.pdbx_strand_id   A
#
# COMPACT_ATOMS: atom_id res chain seq x y z
N GLY A 1 7.75 -3.55 12.37
CA GLY A 1 7.62 -4.37 13.57
C GLY A 1 6.25 -5.01 13.60
N TRP A 2 5.31 -4.55 12.79
CA TRP A 2 3.94 -5.16 12.83
C TRP A 2 3.94 -6.55 12.21
N GLU A 3 3.02 -7.36 12.70
CA GLU A 3 2.86 -8.76 12.24
C GLU A 3 2.32 -8.80 10.80
N ILE A 4 2.99 -9.67 10.04
CA ILE A 4 2.60 -9.88 8.62
C ILE A 4 1.58 -11.00 8.56
N PRO A 5 0.41 -10.72 8.03
CA PRO A 5 -0.65 -11.73 7.97
C PRO A 5 -0.26 -12.85 7.04
N GLU A 6 -0.68 -14.03 7.47
CA GLU A 6 -0.45 -15.25 6.66
C GLU A 6 -1.74 -16.04 6.70
N PRO A 7 -2.51 -16.21 5.62
CA PRO A 7 -2.27 -15.71 4.26
C PRO A 7 -2.29 -14.18 4.29
N TYR A 8 -1.71 -13.70 3.18
CA TYR A 8 -1.59 -12.21 3.09
C TYR A 8 -2.88 -11.56 2.65
N VAL A 9 -3.74 -11.27 3.61
CA VAL A 9 -5.05 -10.68 3.35
C VAL A 9 -5.32 -9.57 4.36
N TRP A 10 -6.01 -8.55 3.87
CA TRP A 10 -6.41 -7.41 4.74
C TRP A 10 -7.38 -7.93 5.83
N ASP A 11 -7.30 -7.33 6.97
CA ASP A 11 -8.20 -7.61 8.09
C ASP A 11 -8.60 -6.25 8.72
N GLU A 12 -9.65 -6.35 9.54
CA GLU A 12 -10.20 -5.15 10.23
C GLU A 12 -9.22 -4.40 11.11
N SER A 13 -8.12 -5.04 11.51
CA SER A 13 -7.09 -4.38 12.34
C SER A 13 -6.41 -3.28 11.51
N PHE A 14 -6.55 -3.38 10.20
CA PHE A 14 -5.98 -2.39 9.28
C PHE A 14 -6.92 -1.25 8.91
N ARG A 15 -8.15 -1.24 9.39
CA ARG A 15 -9.16 -0.25 9.06
C ARG A 15 -8.77 1.14 9.37
N VAL A 16 -8.95 2.09 8.45
CA VAL A 16 -8.71 3.51 8.67
C VAL A 16 -10.06 4.26 8.76
N PHE A 17 -11.15 3.64 8.45
CA PHE A 17 -12.49 4.25 8.65
C PHE A 17 -12.84 5.30 7.61
N TYR A 18 -12.31 5.13 6.44
CA TYR A 18 -12.60 5.97 5.26
C TYR A 18 -12.93 4.86 4.25
N GLU A 19 -14.19 4.66 3.93
CA GLU A 19 -14.59 3.57 3.09
C GLU A 19 -13.79 3.45 1.84
N GLN A 20 -13.49 4.50 1.12
CA GLN A 20 -12.72 4.44 -0.14
C GLN A 20 -11.26 4.06 0.04
N LEU A 21 -10.66 4.57 1.13
CA LEU A 21 -9.28 4.21 1.42
C LEU A 21 -9.21 2.77 1.84
N ASP A 22 -10.17 2.26 2.61
CA ASP A 22 -10.17 0.89 3.09
C ASP A 22 -10.26 -0.06 1.90
N GLU A 23 -11.13 0.31 0.99
CA GLU A 23 -11.28 -0.57 -0.26
C GLU A 23 -9.98 -0.56 -1.05
N GLU A 24 -9.30 0.56 -1.17
CA GLU A 24 -8.03 0.62 -1.88
C GLU A 24 -6.98 -0.20 -1.21
N HIS A 25 -6.93 -0.12 0.12
CA HIS A 25 -6.01 -0.94 0.93
C HIS A 25 -6.28 -2.42 0.76
N LYS A 26 -7.50 -2.86 0.76
CA LYS A 26 -7.82 -4.27 0.47
C LYS A 26 -7.32 -4.70 -0.90
N LYS A 27 -7.43 -3.85 -1.90
CA LYS A 27 -6.94 -4.20 -3.22
C LYS A 27 -5.42 -4.28 -3.29
N ILE A 28 -4.70 -3.50 -2.50
CA ILE A 28 -3.23 -3.58 -2.55
C ILE A 28 -2.80 -4.89 -1.90
N PHE A 29 -3.47 -5.27 -0.78
CA PHE A 29 -3.16 -6.62 -0.17
C PHE A 29 -3.40 -7.71 -1.22
N LYS A 30 -4.55 -7.60 -1.88
CA LYS A 30 -4.87 -8.62 -2.94
C LYS A 30 -3.91 -8.60 -4.08
N GLY A 31 -3.42 -7.42 -4.41
CA GLY A 31 -2.42 -7.25 -5.48
C GLY A 31 -1.16 -8.05 -5.18
N ILE A 32 -0.68 -7.94 -3.96
CA ILE A 32 0.51 -8.64 -3.47
C ILE A 32 0.18 -10.11 -3.34
N PHE A 33 -0.94 -10.49 -2.77
CA PHE A 33 -1.34 -11.93 -2.67
C PHE A 33 -1.35 -12.61 -4.04
N ASP A 34 -1.80 -11.90 -5.07
CA ASP A 34 -1.88 -12.47 -6.45
C ASP A 34 -0.50 -12.64 -7.01
N CYS A 35 0.40 -11.71 -6.76
CA CYS A 35 1.80 -11.87 -7.25
C CYS A 35 2.51 -13.05 -6.54
N ILE A 36 2.07 -13.32 -5.31
CA ILE A 36 2.57 -14.44 -4.53
C ILE A 36 2.13 -15.76 -5.18
N ARG A 37 0.87 -15.85 -5.51
CA ARG A 37 0.25 -17.02 -6.15
C ARG A 37 0.69 -17.23 -7.60
N ASP A 38 0.86 -16.21 -8.36
CA ASP A 38 1.18 -16.20 -9.82
C ASP A 38 1.99 -14.94 -10.11
N ASN A 39 3.31 -15.19 -10.08
CA ASN A 39 4.35 -14.15 -10.21
C ASN A 39 4.54 -13.76 -11.66
N SER A 40 3.51 -13.12 -12.19
CA SER A 40 3.48 -12.75 -13.61
C SER A 40 3.57 -11.27 -13.85
N ALA A 41 3.85 -10.93 -15.12
CA ALA A 41 3.95 -9.54 -15.58
C ALA A 41 2.62 -8.83 -15.38
N PRO A 42 1.49 -9.42 -15.74
CA PRO A 42 0.19 -8.80 -15.56
C PRO A 42 -0.15 -8.54 -14.09
N ASN A 43 0.19 -9.47 -13.19
CA ASN A 43 -0.09 -9.25 -11.75
C ASN A 43 0.77 -8.13 -11.20
N LEU A 44 2.02 -8.02 -11.57
CA LEU A 44 2.90 -6.97 -11.08
C LEU A 44 2.37 -5.63 -11.59
N ALA A 45 1.95 -5.59 -12.87
CA ALA A 45 1.44 -4.31 -13.45
C ALA A 45 0.20 -3.82 -12.73
N THR A 46 -0.66 -4.74 -12.36
CA THR A 46 -1.89 -4.50 -11.61
C THR A 46 -1.51 -3.91 -10.22
N LEU A 47 -0.52 -4.55 -9.60
CA LEU A 47 -0.09 -4.02 -8.31
C LEU A 47 0.36 -2.59 -8.50
N VAL A 48 1.17 -2.28 -9.47
CA VAL A 48 1.64 -0.91 -9.72
C VAL A 48 0.48 0.04 -9.96
N LYS A 49 -0.49 -0.37 -10.74
CA LYS A 49 -1.66 0.44 -11.05
C LYS A 49 -2.53 0.76 -9.85
N VAL A 50 -2.92 -0.21 -9.04
CA VAL A 50 -3.75 0.00 -7.89
C VAL A 50 -2.97 0.81 -6.86
N THR A 51 -1.67 0.64 -6.72
CA THR A 51 -0.95 1.43 -5.69
C THR A 51 -0.85 2.87 -6.13
N THR A 52 -0.62 3.14 -7.39
CA THR A 52 -0.54 4.48 -7.96
C THR A 52 -1.86 5.22 -7.71
N ASN A 53 -2.94 4.55 -8.03
CA ASN A 53 -4.31 5.12 -7.85
C ASN A 53 -4.58 5.48 -6.39
N HIS A 54 -4.21 4.56 -5.53
CA HIS A 54 -4.35 4.71 -4.07
C HIS A 54 -3.60 5.92 -3.56
N PHE A 55 -2.33 6.04 -3.89
CA PHE A 55 -1.49 7.17 -3.44
C PHE A 55 -2.07 8.49 -3.89
N THR A 56 -2.55 8.57 -5.13
CA THR A 56 -3.14 9.78 -5.68
C THR A 56 -4.37 10.24 -4.89
N HIS A 57 -5.19 9.24 -4.55
CA HIS A 57 -6.42 9.39 -3.82
C HIS A 57 -6.17 9.77 -2.35
N GLU A 58 -5.30 9.08 -1.67
CA GLU A 58 -4.97 9.32 -0.28
C GLU A 58 -4.33 10.68 -0.11
N GLU A 59 -3.41 11.07 -0.98
CA GLU A 59 -2.78 12.38 -0.95
C GLU A 59 -3.80 13.48 -1.25
N ALA A 60 -4.75 13.26 -2.15
CA ALA A 60 -5.77 14.25 -2.46
C ALA A 60 -6.62 14.45 -1.22
N MET A 61 -6.87 13.43 -0.44
CA MET A 61 -7.68 13.60 0.78
C MET A 61 -6.87 14.32 1.85
N MET A 62 -5.61 14.07 2.00
CA MET A 62 -4.72 14.64 2.99
C MET A 62 -4.59 16.15 2.71
N ASP A 63 -4.50 16.50 1.44
CA ASP A 63 -4.38 17.88 0.95
C ASP A 63 -5.65 18.68 1.22
N ALA A 64 -6.75 18.06 0.86
CA ALA A 64 -8.04 18.69 1.05
C ALA A 64 -8.24 19.01 2.52
N ALA A 65 -7.88 18.19 3.45
CA ALA A 65 -8.06 18.30 4.89
C ALA A 65 -7.05 19.14 5.66
N LYS A 66 -6.13 19.65 4.87
CA LYS A 66 -4.94 20.44 5.27
C LYS A 66 -4.28 19.66 6.41
N TYR A 67 -4.16 18.34 6.17
CA TYR A 67 -3.53 17.39 7.13
C TYR A 67 -2.09 17.87 7.28
N SER A 68 -1.60 17.97 8.49
CA SER A 68 -0.30 18.52 8.83
C SER A 68 0.92 17.73 8.47
N GLU A 69 0.76 16.40 8.35
CA GLU A 69 1.90 15.53 8.10
C GLU A 69 1.96 14.93 6.75
N VAL A 70 1.41 15.65 5.79
CA VAL A 70 1.44 15.14 4.41
C VAL A 70 2.83 15.13 3.82
N VAL A 71 3.81 15.98 4.14
CA VAL A 71 5.10 15.91 3.44
C VAL A 71 5.92 14.67 3.73
N PRO A 72 6.20 14.28 4.95
CA PRO A 72 6.88 13.01 5.20
C PRO A 72 6.11 11.84 4.54
N HIS A 73 4.81 11.86 4.56
CA HIS A 73 3.91 10.82 4.03
C HIS A 73 4.08 10.65 2.53
N LYS A 74 3.94 11.75 1.81
CA LYS A 74 4.08 11.71 0.34
C LYS A 74 5.46 11.22 -0.05
N LYS A 75 6.43 11.42 0.81
CA LYS A 75 7.81 10.99 0.49
C LYS A 75 7.99 9.51 0.54
N MET A 76 7.28 8.91 1.46
CA MET A 76 7.25 7.46 1.66
C MET A 76 6.51 6.81 0.48
N HIS A 77 5.44 7.42 0.03
CA HIS A 77 4.64 6.90 -1.10
C HIS A 77 5.44 6.92 -2.40
N LYS A 78 6.13 8.04 -2.62
CA LYS A 78 6.96 8.29 -3.79
C LYS A 78 8.08 7.28 -3.89
N ASP A 79 8.73 6.97 -2.79
CA ASP A 79 9.78 6.00 -2.66
C ASP A 79 9.34 4.57 -2.97
N PHE A 80 8.15 4.22 -2.47
CA PHE A 80 7.58 2.88 -2.72
C PHE A 80 7.23 2.81 -4.20
N LEU A 81 6.65 3.79 -4.84
CA LEU A 81 6.32 3.76 -6.27
C LEU A 81 7.56 3.61 -7.16
N GLU A 82 8.61 4.25 -6.70
CA GLU A 82 9.90 4.23 -7.40
C GLU A 82 10.42 2.81 -7.43
N LYS A 83 10.35 2.14 -6.30
CA LYS A 83 10.75 0.76 -6.09
C LYS A 83 9.95 -0.29 -6.87
N ILE A 84 8.64 -0.33 -6.76
CA ILE A 84 7.83 -1.33 -7.47
C ILE A 84 7.76 -1.02 -8.94
N GLY A 85 7.90 0.23 -9.29
CA GLY A 85 7.92 0.77 -10.66
C GLY A 85 9.07 0.22 -11.46
N GLY A 86 10.12 -0.12 -10.77
CA GLY A 86 11.33 -0.69 -11.29
C GLY A 86 11.45 -2.20 -11.32
N LEU A 87 10.60 -2.99 -10.71
CA LEU A 87 10.62 -4.41 -10.67
C LEU A 87 10.09 -4.96 -12.04
N SER A 88 10.48 -6.23 -12.19
CA SER A 88 10.08 -6.98 -13.38
C SER A 88 9.69 -8.38 -12.89
N ALA A 89 8.75 -9.02 -13.52
CA ALA A 89 8.30 -10.36 -13.14
C ALA A 89 9.21 -11.44 -13.72
N PRO A 90 9.55 -12.56 -13.09
CA PRO A 90 9.08 -12.88 -11.73
C PRO A 90 9.87 -12.03 -10.73
N VAL A 91 9.06 -11.46 -9.79
CA VAL A 91 9.70 -10.66 -8.75
C VAL A 91 10.55 -11.60 -7.88
N ASP A 92 11.75 -11.16 -7.53
CA ASP A 92 12.49 -12.12 -6.63
C ASP A 92 11.88 -12.17 -5.23
N ALA A 93 12.13 -13.27 -4.57
CA ALA A 93 11.63 -13.53 -3.22
C ALA A 93 11.92 -12.47 -2.19
N LYS A 94 13.05 -11.80 -2.23
CA LYS A 94 13.44 -10.74 -1.30
C LYS A 94 12.61 -9.52 -1.51
N ASN A 95 12.26 -9.19 -2.73
CA ASN A 95 11.39 -8.02 -3.01
C ASN A 95 9.91 -8.29 -2.72
N VAL A 96 9.44 -9.52 -2.83
CA VAL A 96 8.05 -9.85 -2.50
C VAL A 96 7.97 -9.66 -0.99
N ASP A 97 8.99 -10.12 -0.27
CA ASP A 97 8.96 -9.95 1.20
C ASP A 97 8.98 -8.52 1.61
N TYR A 98 9.72 -7.70 0.92
CA TYR A 98 9.91 -6.27 1.11
C TYR A 98 8.54 -5.60 0.94
N CYS A 99 7.80 -6.00 -0.08
CA CYS A 99 6.48 -5.45 -0.37
C CYS A 99 5.47 -5.86 0.69
N LYS A 100 5.51 -7.10 1.14
CA LYS A 100 4.61 -7.58 2.16
C LYS A 100 4.79 -6.79 3.43
N GLU A 101 6.01 -6.62 3.85
CA GLU A 101 6.34 -5.88 5.03
C GLU A 101 6.10 -4.38 4.95
N TRP A 102 6.41 -3.75 3.83
CA TRP A 102 6.26 -2.36 3.51
C TRP A 102 4.81 -1.92 3.69
N LEU A 103 3.87 -2.64 3.09
CA LEU A 103 2.45 -2.27 3.17
C LEU A 103 1.95 -2.30 4.60
N VAL A 104 2.25 -3.37 5.29
CA VAL A 104 1.84 -3.57 6.69
C VAL A 104 2.30 -2.43 7.58
N ASN A 105 3.57 -2.09 7.45
CA ASN A 105 4.19 -0.99 8.23
C ASN A 105 3.76 0.38 7.76
N HIS A 106 3.47 0.57 6.49
CA HIS A 106 3.00 1.84 5.97
C HIS A 106 1.58 2.14 6.50
N ILE A 107 0.74 1.15 6.51
CA ILE A 107 -0.61 1.38 6.96
C ILE A 107 -0.72 1.66 8.48
N LYS A 108 -0.12 0.71 9.23
CA LYS A 108 -0.25 0.86 10.73
C LYS A 108 0.61 1.94 11.34
N GLY A 109 1.76 2.22 10.69
CA GLY A 109 2.69 3.24 11.19
C GLY A 109 2.48 4.62 10.61
N THR A 110 1.92 4.81 9.46
CA THR A 110 1.77 6.12 8.85
C THR A 110 0.36 6.46 8.47
N ASP A 111 -0.33 5.58 7.76
CA ASP A 111 -1.75 5.93 7.37
C ASP A 111 -2.59 6.11 8.63
N PHE A 112 -2.24 5.34 9.66
CA PHE A 112 -3.00 5.35 10.93
C PHE A 112 -2.95 6.73 11.57
N LYS A 113 -1.94 7.50 11.23
CA LYS A 113 -1.92 8.86 11.84
C LYS A 113 -3.02 9.77 11.39
N TYR A 114 -3.60 9.53 10.20
CA TYR A 114 -4.66 10.39 9.64
C TYR A 114 -6.03 9.91 10.11
N LYS A 115 -6.15 8.85 10.87
CA LYS A 115 -7.52 8.43 11.28
C LYS A 115 -8.22 9.59 12.02
N GLY A 116 -9.41 9.93 11.56
CA GLY A 116 -10.21 11.04 12.19
C GLY A 116 -9.75 12.44 11.82
N LYS A 117 -8.77 12.62 10.99
CA LYS A 117 -8.17 13.87 10.60
C LYS A 117 -8.50 14.33 9.19
N LEU A 118 -9.10 13.45 8.37
CA LEU A 118 -9.42 13.76 6.99
C LEU A 118 -10.84 14.32 6.82
#